data_4KUN
#
_entry.id   4KUN
#
_cell.length_a   40.830
_cell.length_b   46.050
_cell.length_c   45.079
_cell.angle_alpha   90.00
_cell.angle_beta   105.56
_cell.angle_gamma   90.00
#
_symmetry.space_group_name_H-M   'P 1 21 1'
#
loop_
_entity.id
_entity.type
_entity.pdbx_description
1 polymer 'Hypothetical protein Lpp1115'
2 water water
#
_entity_poly.entity_id   1
_entity_poly.type   'polypeptide(L)'
_entity_poly.pdbx_seq_one_letter_code
;G(MSE)TRTKLKLFVIGNSAISKRAIINLQSICSDPKLADLCDIEVVDLCKNKGIAEQEKILATPILIKKEPLPERRIIG
DLSDKQKVISALE(MSE)D
;
_entity_poly.pdbx_strand_id   A,B
#
# COMPACT_ATOMS: atom_id res chain seq x y z
N GLY A 1 22.45 16.80 24.33
CA GLY A 1 22.56 15.98 23.14
C GLY A 1 21.27 15.25 22.82
N THR A 3 17.99 14.44 21.15
CA THR A 3 17.39 14.69 19.84
C THR A 3 16.15 13.84 19.65
N ARG A 4 15.04 14.50 19.34
CA ARG A 4 13.75 13.84 19.18
C ARG A 4 13.71 12.91 17.98
N THR A 5 13.26 11.67 18.20
CA THR A 5 12.94 10.77 17.10
C THR A 5 11.43 10.81 16.86
N LYS A 6 11.03 11.30 15.69
CA LYS A 6 9.62 11.42 15.37
C LYS A 6 9.16 10.34 14.39
N LEU A 7 8.20 9.52 14.82
CA LEU A 7 7.72 8.42 14.00
C LEU A 7 6.25 8.58 13.65
N LYS A 8 5.91 8.35 12.38
CA LYS A 8 4.52 8.37 11.94
C LYS A 8 4.13 7.03 11.31
N LEU A 9 3.13 6.38 11.89
CA LEU A 9 2.62 5.12 11.36
C LEU A 9 1.31 5.36 10.63
N PHE A 10 1.29 5.03 9.33
CA PHE A 10 0.09 5.22 8.53
C PHE A 10 -0.59 3.88 8.28
N VAL A 11 -1.87 3.78 8.65
CA VAL A 11 -2.62 2.55 8.50
C VAL A 11 -3.91 2.76 7.71
N ILE A 12 -4.53 1.66 7.30
CA ILE A 12 -5.85 1.69 6.70
C ILE A 12 -6.83 0.93 7.58
N GLY A 13 -7.63 1.66 8.34
CA GLY A 13 -8.67 1.06 9.15
C GLY A 13 -8.21 0.32 10.40
N ASN A 14 -9.06 -0.59 10.86
CA ASN A 14 -8.82 -1.34 12.09
C ASN A 14 -8.64 -2.83 11.83
N SER A 15 -7.91 -3.16 10.77
CA SER A 15 -7.69 -4.55 10.39
C SER A 15 -6.69 -5.25 11.30
N ALA A 16 -6.50 -6.55 11.11
CA ALA A 16 -5.57 -7.33 11.91
C ALA A 16 -4.14 -6.82 11.72
N ILE A 17 -3.77 -6.50 10.49
CA ILE A 17 -2.42 -6.03 10.19
C ILE A 17 -2.17 -4.60 10.71
N SER A 18 -3.21 -3.78 10.70
CA SER A 18 -3.11 -2.45 11.31
C SER A 18 -2.86 -2.60 12.80
N LYS A 19 -3.64 -3.47 13.44
CA LYS A 19 -3.47 -3.78 14.85
C LYS A 19 -2.05 -4.28 15.15
N ARG A 20 -1.57 -5.21 14.33
CA ARG A 20 -0.23 -5.74 14.49
C ARG A 20 0.83 -4.64 14.43
N ALA A 21 0.77 -3.84 13.38
CA ALA A 21 1.73 -2.76 13.18
C ALA A 21 1.76 -1.77 14.33
N ILE A 22 0.59 -1.46 14.89
CA ILE A 22 0.47 -0.48 15.97
C ILE A 22 1.08 -0.99 17.29
N ILE A 23 0.73 -2.21 17.68
CA ILE A 23 1.25 -2.77 18.92
C ILE A 23 2.73 -3.12 18.78
N ASN A 24 3.15 -3.51 17.58
CA ASN A 24 4.55 -3.79 17.32
C ASN A 24 5.41 -2.54 17.41
N LEU A 25 4.90 -1.44 16.88
CA LEU A 25 5.60 -0.16 16.97
C LEU A 25 5.70 0.29 18.43
N GLN A 26 4.63 0.07 19.18
CA GLN A 26 4.61 0.43 20.60
C GLN A 26 5.63 -0.39 21.39
N SER A 27 5.79 -1.66 21.04
CA SER A 27 6.76 -2.52 21.69
C SER A 27 8.18 -2.07 21.36
N ILE A 28 8.41 -1.78 20.09
CA ILE A 28 9.71 -1.34 19.61
C ILE A 28 10.16 -0.05 20.30
N CYS A 29 9.24 0.88 20.45
CA CYS A 29 9.56 2.19 21.05
C CYS A 29 9.53 2.16 22.58
N SER A 30 9.18 1.01 23.14
CA SER A 30 9.13 0.88 24.60
C SER A 30 10.54 0.76 25.18
N ASP A 31 11.49 0.41 24.32
CA ASP A 31 12.89 0.32 24.73
C ASP A 31 13.44 1.70 25.01
N PRO A 32 13.76 2.00 26.28
CA PRO A 32 14.29 3.32 26.64
C PRO A 32 15.70 3.55 26.08
N LYS A 33 16.37 2.47 25.68
CA LYS A 33 17.72 2.58 25.13
C LYS A 33 17.69 2.83 23.63
N LEU A 34 16.52 2.69 23.02
CA LEU A 34 16.40 2.87 21.58
C LEU A 34 16.45 4.34 21.18
N ALA A 35 15.63 5.15 21.83
CA ALA A 35 15.55 6.56 21.46
C ALA A 35 15.26 7.48 22.64
N ASP A 36 16.09 8.50 22.80
CA ASP A 36 15.74 9.62 23.67
C ASP A 36 14.63 10.34 22.94
N LEU A 37 13.57 10.71 23.66
CA LEU A 37 12.48 11.49 23.09
C LEU A 37 11.79 10.81 21.91
N CYS A 38 11.29 9.59 22.11
CA CYS A 38 10.57 8.91 21.03
C CYS A 38 9.12 9.40 20.97
N ASP A 39 8.76 9.99 19.82
CA ASP A 39 7.42 10.51 19.62
C ASP A 39 6.73 9.79 18.47
N ILE A 40 5.61 9.13 18.77
CA ILE A 40 4.89 8.38 17.75
C ILE A 40 3.44 8.84 17.55
N GLU A 41 3.05 8.98 16.29
CA GLU A 41 1.69 9.32 15.92
C GLU A 41 1.17 8.29 14.92
N VAL A 42 -0.05 7.79 15.17
CA VAL A 42 -0.66 6.85 14.23
C VAL A 42 -1.73 7.54 13.42
N VAL A 43 -1.62 7.46 12.09
CA VAL A 43 -2.56 8.14 11.19
C VAL A 43 -3.38 7.13 10.38
N ASP A 44 -4.70 7.22 10.50
CA ASP A 44 -5.59 6.39 9.71
C ASP A 44 -5.84 7.07 8.36
N LEU A 45 -5.22 6.54 7.31
CA LEU A 45 -5.31 7.14 5.98
C LEU A 45 -6.75 7.32 5.50
N CYS A 46 -7.63 6.43 5.93
CA CYS A 46 -9.05 6.48 5.57
C CYS A 46 -9.71 7.80 5.97
N LYS A 47 -9.26 8.36 7.09
CA LYS A 47 -9.87 9.57 7.63
C LYS A 47 -9.11 10.84 7.27
N ASN A 48 -8.10 10.72 6.41
CA ASN A 48 -7.28 11.87 6.03
C ASN A 48 -6.84 11.85 4.57
N LYS A 49 -7.75 12.25 3.68
CA LYS A 49 -7.48 12.28 2.25
C LYS A 49 -6.37 13.26 1.90
N GLY A 50 -5.48 12.86 1.00
CA GLY A 50 -4.40 13.72 0.56
C GLY A 50 -3.07 13.40 1.21
N ILE A 51 -3.12 12.87 2.43
CA ILE A 51 -1.91 12.55 3.18
C ILE A 51 -1.05 11.52 2.46
N ALA A 52 -1.70 10.49 1.90
CA ALA A 52 -0.99 9.41 1.22
C ALA A 52 -0.09 9.93 0.10
N GLU A 53 -0.65 10.78 -0.75
CA GLU A 53 0.10 11.35 -1.87
C GLU A 53 1.21 12.29 -1.40
N GLN A 54 0.98 12.97 -0.28
CA GLN A 54 1.96 13.91 0.27
C GLN A 54 3.17 13.20 0.88
N GLU A 55 2.96 11.97 1.36
CA GLU A 55 4.04 11.21 1.96
C GLU A 55 4.57 10.16 0.99
N LYS A 56 4.08 10.22 -0.25
CA LYS A 56 4.42 9.22 -1.27
C LYS A 56 4.08 7.81 -0.80
N ILE A 57 2.90 7.65 -0.21
CA ILE A 57 2.49 6.36 0.35
C ILE A 57 1.72 5.50 -0.64
N LEU A 58 2.28 4.34 -0.94
CA LEU A 58 1.67 3.40 -1.88
C LEU A 58 1.47 2.04 -1.23
N ALA A 59 1.88 1.91 0.03
CA ALA A 59 1.74 0.66 0.75
C ALA A 59 1.37 0.89 2.22
N THR A 60 0.51 0.00 2.74
CA THR A 60 0.10 0.07 4.14
C THR A 60 0.14 -1.31 4.78
N PRO A 61 0.48 -1.37 6.08
CA PRO A 61 0.93 -0.24 6.91
C PRO A 61 2.32 0.22 6.53
N ILE A 62 2.61 1.50 6.74
CA ILE A 62 3.94 2.04 6.48
C ILE A 62 4.37 2.96 7.61
N LEU A 63 5.62 2.80 8.07
CA LEU A 63 6.17 3.58 9.16
C LEU A 63 7.23 4.54 8.65
N ILE A 64 7.08 5.83 8.96
CA ILE A 64 8.00 6.85 8.46
C ILE A 64 8.69 7.61 9.58
N LYS A 65 10.02 7.60 9.58
CA LYS A 65 10.81 8.39 10.53
C LYS A 65 11.04 9.79 9.97
N LYS A 66 10.30 10.76 10.51
CA LYS A 66 10.40 12.13 10.05
C LYS A 66 11.64 12.81 10.64
N GLU A 67 11.88 12.56 11.92
CA GLU A 67 13.03 13.12 12.61
C GLU A 67 13.79 12.02 13.32
N PRO A 68 15.13 12.12 13.37
CA PRO A 68 15.92 13.17 12.73
C PRO A 68 16.20 12.87 11.25
N LEU A 69 16.51 13.90 10.48
CA LEU A 69 16.75 13.76 9.05
C LEU A 69 18.04 12.97 8.80
N PRO A 70 18.13 12.29 7.65
CA PRO A 70 17.14 12.21 6.58
C PRO A 70 16.01 11.24 6.88
N GLU A 71 14.89 11.43 6.16
CA GLU A 71 13.69 10.62 6.35
C GLU A 71 13.91 9.17 5.94
N ARG A 72 13.48 8.25 6.80
CA ARG A 72 13.52 6.83 6.48
C ARG A 72 12.13 6.21 6.60
N ARG A 73 11.93 5.04 6.01
CA ARG A 73 10.63 4.39 6.05
C ARG A 73 10.71 2.87 5.89
N ILE A 74 9.70 2.17 6.40
CA ILE A 74 9.60 0.73 6.26
C ILE A 74 8.13 0.29 6.16
N ILE A 75 7.87 -0.65 5.26
CA ILE A 75 6.52 -1.14 5.02
C ILE A 75 6.30 -2.48 5.73
N GLY A 76 5.09 -2.69 6.26
CA GLY A 76 4.73 -3.97 6.84
C GLY A 76 4.16 -3.90 8.25
N ASP A 77 3.97 -5.07 8.86
CA ASP A 77 3.38 -5.17 10.19
C ASP A 77 4.39 -4.96 11.31
N LEU A 78 5.63 -4.66 10.92
CA LEU A 78 6.70 -4.36 11.87
C LEU A 78 6.96 -5.48 12.87
N SER A 79 6.79 -6.72 12.42
CA SER A 79 6.92 -7.89 13.29
C SER A 79 8.38 -8.31 13.52
N ASP A 80 9.30 -7.63 12.83
CA ASP A 80 10.72 -7.87 13.02
C ASP A 80 11.36 -6.61 13.59
N LYS A 81 11.62 -6.61 14.89
CA LYS A 81 12.16 -5.44 15.58
C LYS A 81 13.46 -4.93 14.94
N GLN A 82 14.42 -5.83 14.80
CA GLN A 82 15.76 -5.46 14.32
C GLN A 82 15.78 -4.93 12.89
N LYS A 83 14.96 -5.51 12.02
CA LYS A 83 14.85 -5.01 10.64
C LYS A 83 14.36 -3.57 10.66
N VAL A 84 13.34 -3.31 11.47
CA VAL A 84 12.76 -1.98 11.59
C VAL A 84 13.75 -0.95 12.12
N ILE A 85 14.46 -1.30 13.19
CA ILE A 85 15.42 -0.39 13.81
C ILE A 85 16.55 -0.02 12.84
N SER A 86 17.02 -0.97 12.05
CA SER A 86 18.11 -0.73 11.12
C SER A 86 17.63 0.00 9.88
N ALA A 87 16.39 -0.27 9.47
CA ALA A 87 15.82 0.35 8.29
C ALA A 87 15.61 1.85 8.50
N LEU A 88 15.25 2.22 9.73
CA LEU A 88 14.99 3.62 10.05
C LEU A 88 16.26 4.29 10.58
N GLU A 89 17.36 3.55 10.57
CA GLU A 89 18.66 4.03 11.04
C GLU A 89 18.59 4.57 12.46
N ASP A 91 19.90 2.60 14.73
CA ASP A 91 20.95 1.72 15.24
C ASP A 91 20.40 0.45 15.90
N THR B 3 -15.19 -17.41 -22.27
CA THR B 3 -15.35 -17.03 -20.86
C THR B 3 -14.68 -15.70 -20.52
N ARG B 4 -15.20 -15.06 -19.48
CA ARG B 4 -14.79 -13.70 -19.11
C ARG B 4 -13.47 -13.65 -18.35
N THR B 5 -12.75 -12.53 -18.50
CA THR B 5 -11.63 -12.22 -17.61
C THR B 5 -12.08 -11.17 -16.62
N LYS B 6 -11.87 -11.43 -15.33
CA LYS B 6 -12.30 -10.50 -14.29
C LYS B 6 -11.11 -9.76 -13.68
N LEU B 7 -11.11 -8.43 -13.80
CA LEU B 7 -10.01 -7.63 -13.28
C LEU B 7 -10.45 -6.69 -12.17
N LYS B 8 -9.64 -6.61 -11.11
CA LYS B 8 -9.89 -5.66 -10.02
C LYS B 8 -8.65 -4.78 -9.81
N LEU B 9 -8.84 -3.46 -9.88
CA LEU B 9 -7.76 -2.52 -9.63
C LEU B 9 -7.89 -1.91 -8.24
N PHE B 10 -6.94 -2.21 -7.37
CA PHE B 10 -6.98 -1.70 -6.00
C PHE B 10 -6.06 -0.50 -5.83
N VAL B 11 -6.62 0.61 -5.36
CA VAL B 11 -5.85 1.83 -5.18
C VAL B 11 -6.05 2.42 -3.78
N ILE B 12 -5.14 3.32 -3.39
CA ILE B 12 -5.30 4.05 -2.14
C ILE B 12 -5.70 5.50 -2.43
N GLY B 13 -6.96 5.82 -2.21
CA GLY B 13 -7.48 7.17 -2.40
C GLY B 13 -7.47 7.64 -3.84
N ASN B 14 -7.23 8.93 -4.03
CA ASN B 14 -7.24 9.55 -5.35
C ASN B 14 -5.99 10.40 -5.60
N SER B 15 -4.96 9.76 -6.17
CA SER B 15 -3.67 10.43 -6.39
C SER B 15 -3.32 10.52 -7.87
N ALA B 16 -2.14 11.05 -8.18
CA ALA B 16 -1.66 11.11 -9.55
C ALA B 16 -1.45 9.72 -10.12
N ILE B 17 -0.90 8.83 -9.30
CA ILE B 17 -0.63 7.47 -9.73
C ILE B 17 -1.91 6.64 -9.80
N SER B 18 -2.85 6.91 -8.89
CA SER B 18 -4.14 6.22 -8.90
C SER B 18 -4.90 6.54 -10.18
N LYS B 19 -4.93 7.83 -10.53
CA LYS B 19 -5.63 8.29 -11.72
C LYS B 19 -5.11 7.68 -13.01
N ARG B 20 -3.78 7.68 -13.17
CA ARG B 20 -3.17 7.23 -14.42
C ARG B 20 -3.10 5.70 -14.53
N ALA B 21 -3.21 5.01 -13.40
CA ALA B 21 -3.30 3.56 -13.42
C ALA B 21 -4.66 3.15 -13.97
N ILE B 22 -5.70 3.89 -13.56
CA ILE B 22 -7.06 3.65 -14.03
C ILE B 22 -7.20 3.94 -15.52
N ILE B 23 -6.62 5.05 -15.96
CA ILE B 23 -6.62 5.40 -17.38
C ILE B 23 -5.86 4.36 -18.20
N ASN B 24 -4.69 3.98 -17.71
CA ASN B 24 -3.87 2.96 -18.37
C ASN B 24 -4.57 1.61 -18.49
N LEU B 25 -5.33 1.24 -17.45
CA LEU B 25 -6.08 -0.01 -17.49
C LEU B 25 -7.17 0.05 -18.55
N GLN B 26 -7.90 1.16 -18.58
CA GLN B 26 -8.96 1.36 -19.56
C GLN B 26 -8.40 1.39 -20.98
N SER B 27 -7.17 1.90 -21.12
CA SER B 27 -6.49 1.93 -22.41
C SER B 27 -6.13 0.51 -22.86
N ILE B 28 -5.57 -0.27 -21.94
CA ILE B 28 -5.20 -1.66 -22.21
C ILE B 28 -6.42 -2.49 -22.63
N CYS B 29 -7.50 -2.37 -21.88
CA CYS B 29 -8.71 -3.14 -22.16
C CYS B 29 -9.53 -2.58 -23.31
N SER B 30 -9.01 -1.53 -23.96
CA SER B 30 -9.70 -0.95 -25.11
C SER B 30 -9.40 -1.77 -26.37
N ASP B 31 -8.35 -2.59 -26.28
CA ASP B 31 -8.02 -3.55 -27.33
C ASP B 31 -9.26 -4.37 -27.63
N PRO B 32 -9.66 -4.45 -28.92
CA PRO B 32 -10.87 -5.16 -29.34
C PRO B 32 -10.87 -6.61 -28.89
N LYS B 33 -9.67 -7.18 -28.72
CA LYS B 33 -9.51 -8.54 -28.26
C LYS B 33 -9.88 -8.65 -26.77
N LEU B 34 -9.90 -7.50 -26.10
CA LEU B 34 -10.15 -7.46 -24.66
C LEU B 34 -11.45 -6.76 -24.27
N ALA B 35 -11.87 -5.79 -25.07
CA ALA B 35 -12.97 -4.88 -24.70
C ALA B 35 -14.30 -5.54 -24.35
N ASP B 36 -14.57 -6.72 -24.93
CA ASP B 36 -15.86 -7.36 -24.70
C ASP B 36 -15.76 -8.63 -23.85
N LEU B 37 -14.55 -8.94 -23.40
CA LEU B 37 -14.32 -10.13 -22.60
C LEU B 37 -13.83 -9.79 -21.20
N CYS B 38 -13.43 -8.54 -21.00
CA CYS B 38 -12.88 -8.11 -19.72
C CYS B 38 -13.86 -7.26 -18.94
N ASP B 39 -14.07 -7.62 -17.67
CA ASP B 39 -14.86 -6.83 -16.74
C ASP B 39 -13.91 -6.27 -15.68
N ILE B 40 -13.93 -4.94 -15.51
CA ILE B 40 -13.00 -4.29 -14.59
C ILE B 40 -13.69 -3.49 -13.48
N GLU B 41 -13.20 -3.67 -12.26
CA GLU B 41 -13.70 -2.93 -11.11
C GLU B 41 -12.55 -2.15 -10.48
N VAL B 42 -12.80 -0.89 -10.13
CA VAL B 42 -11.83 -0.12 -9.37
C VAL B 42 -12.23 -0.15 -7.91
N VAL B 43 -11.28 -0.50 -7.04
CA VAL B 43 -11.55 -0.63 -5.62
C VAL B 43 -10.68 0.30 -4.79
N ASP B 44 -11.32 1.25 -4.11
CA ASP B 44 -10.63 2.13 -3.17
C ASP B 44 -10.52 1.42 -1.84
N LEU B 45 -9.28 1.15 -1.42
CA LEU B 45 -9.03 0.45 -0.17
C LEU B 45 -9.57 1.24 1.03
N CYS B 46 -9.59 2.55 0.92
CA CYS B 46 -10.02 3.41 2.02
C CYS B 46 -11.53 3.50 2.15
N LYS B 47 -12.26 2.87 1.22
CA LYS B 47 -13.72 2.92 1.20
C LYS B 47 -14.35 1.58 1.61
N ASN B 48 -13.57 0.51 1.58
CA ASN B 48 -13.92 -0.74 2.22
C ASN B 48 -12.73 -1.17 3.06
N LYS B 49 -12.80 -0.88 4.36
CA LYS B 49 -11.64 -0.96 5.23
C LYS B 49 -11.07 -2.36 5.47
N GLY B 50 -11.80 -3.39 5.08
CA GLY B 50 -11.37 -4.76 5.32
C GLY B 50 -10.73 -5.44 4.13
N ILE B 51 -10.65 -4.72 3.00
CA ILE B 51 -10.18 -5.31 1.74
C ILE B 51 -8.68 -5.56 1.68
N ALA B 52 -7.88 -4.59 2.14
CA ALA B 52 -6.42 -4.74 2.15
C ALA B 52 -5.99 -5.98 2.94
N GLU B 53 -6.66 -6.21 4.06
CA GLU B 53 -6.42 -7.39 4.89
C GLU B 53 -6.91 -8.65 4.19
N GLN B 54 -8.08 -8.55 3.58
CA GLN B 54 -8.75 -9.69 2.94
C GLN B 54 -8.01 -10.19 1.69
N GLU B 55 -7.49 -9.26 0.89
CA GLU B 55 -6.79 -9.62 -0.33
C GLU B 55 -5.28 -9.66 -0.13
N LYS B 56 -4.84 -9.41 1.10
CA LYS B 56 -3.43 -9.32 1.44
C LYS B 56 -2.69 -8.32 0.53
N ILE B 57 -3.15 -7.08 0.56
CA ILE B 57 -2.59 -6.03 -0.28
C ILE B 57 -1.73 -5.06 0.50
N LEU B 58 -0.46 -4.96 0.11
CA LEU B 58 0.45 -3.97 0.68
C LEU B 58 0.67 -2.86 -0.32
N ALA B 59 1.59 -3.08 -1.26
CA ALA B 59 1.90 -2.09 -2.29
C ALA B 59 0.76 -1.89 -3.27
N THR B 60 0.52 -0.63 -3.63
CA THR B 60 -0.51 -0.25 -4.59
C THR B 60 0.07 0.75 -5.59
N PRO B 61 -0.59 0.94 -6.74
CA PRO B 61 -1.78 0.28 -7.28
C PRO B 61 -1.48 -1.17 -7.63
N ILE B 62 -2.45 -2.06 -7.39
CA ILE B 62 -2.29 -3.46 -7.73
C ILE B 62 -3.47 -3.97 -8.57
N LEU B 63 -3.14 -4.54 -9.73
CA LEU B 63 -4.16 -5.13 -10.59
C LEU B 63 -4.17 -6.63 -10.39
N ILE B 64 -5.33 -7.17 -9.99
CA ILE B 64 -5.45 -8.60 -9.75
C ILE B 64 -6.44 -9.23 -10.74
N LYS B 65 -5.96 -10.18 -11.55
CA LYS B 65 -6.86 -10.96 -12.39
C LYS B 65 -7.50 -12.04 -11.53
N LYS B 66 -8.75 -11.81 -11.14
CA LYS B 66 -9.45 -12.76 -10.26
C LYS B 66 -9.89 -14.00 -11.04
N GLU B 67 -10.29 -13.81 -12.28
CA GLU B 67 -10.81 -14.90 -13.09
C GLU B 67 -10.26 -14.83 -14.52
N PRO B 68 -9.93 -16.00 -15.10
CA PRO B 68 -10.03 -17.32 -14.48
C PRO B 68 -8.82 -17.65 -13.60
N LEU B 69 -9.00 -18.58 -12.68
CA LEU B 69 -7.93 -19.01 -11.79
C LEU B 69 -6.77 -19.59 -12.61
N PRO B 70 -5.53 -19.45 -12.11
CA PRO B 70 -5.14 -18.87 -10.83
C PRO B 70 -5.14 -17.34 -10.84
N GLU B 71 -5.25 -16.75 -9.66
CA GLU B 71 -5.11 -15.31 -9.49
C GLU B 71 -3.73 -14.87 -9.95
N ARG B 72 -3.66 -13.76 -10.67
CA ARG B 72 -2.39 -13.15 -11.04
C ARG B 72 -2.40 -11.67 -10.70
N ARG B 73 -1.26 -11.19 -10.19
CA ARG B 73 -1.17 -9.82 -9.69
C ARG B 73 -0.05 -9.05 -10.38
N ILE B 74 -0.22 -7.74 -10.51
CA ILE B 74 0.87 -6.86 -10.93
C ILE B 74 0.80 -5.50 -10.22
N ILE B 75 1.91 -5.09 -9.62
CA ILE B 75 1.97 -3.83 -8.90
C ILE B 75 2.38 -2.73 -9.86
N GLY B 76 1.89 -1.50 -9.64
CA GLY B 76 2.31 -0.37 -10.44
C GLY B 76 1.21 0.38 -11.15
N ASP B 77 1.60 1.31 -12.02
CA ASP B 77 0.66 2.19 -12.70
C ASP B 77 0.21 1.67 -14.06
N LEU B 78 0.56 0.42 -14.36
CA LEU B 78 0.13 -0.25 -15.59
C LEU B 78 0.57 0.48 -16.87
N SER B 79 1.79 1.03 -16.85
CA SER B 79 2.27 1.85 -17.97
C SER B 79 3.02 1.06 -19.05
N ASP B 80 3.04 -0.26 -18.94
CA ASP B 80 3.61 -1.12 -19.98
C ASP B 80 2.58 -2.20 -20.31
N LYS B 81 1.95 -2.09 -21.48
CA LYS B 81 0.84 -2.95 -21.85
C LYS B 81 1.22 -4.43 -21.95
N GLN B 82 2.24 -4.73 -22.74
CA GLN B 82 2.68 -6.10 -22.93
C GLN B 82 3.19 -6.72 -21.62
N LYS B 83 3.74 -5.89 -20.76
CA LYS B 83 4.18 -6.33 -19.45
C LYS B 83 2.99 -6.80 -18.62
N VAL B 84 1.91 -6.02 -18.64
CA VAL B 84 0.71 -6.34 -17.87
C VAL B 84 0.04 -7.61 -18.40
N ILE B 85 -0.08 -7.70 -19.72
CA ILE B 85 -0.72 -8.84 -20.36
C ILE B 85 0.03 -10.14 -20.07
N SER B 86 1.36 -10.09 -20.14
CA SER B 86 2.18 -11.25 -19.83
C SER B 86 2.06 -11.66 -18.37
N ALA B 87 2.18 -10.69 -17.47
CA ALA B 87 2.13 -10.95 -16.03
C ALA B 87 0.79 -11.57 -15.61
N LEU B 88 -0.29 -11.13 -16.25
CA LEU B 88 -1.61 -11.59 -15.88
C LEU B 88 -2.08 -12.76 -16.75
N GLU B 89 -1.18 -13.24 -17.61
CA GLU B 89 -1.46 -14.34 -18.53
C GLU B 89 -2.74 -14.13 -19.34
N ASP B 91 -2.71 -13.32 -22.63
CA ASP B 91 -2.31 -13.40 -24.03
C ASP B 91 -3.43 -13.95 -24.90
#